data_2RKD
#
_entry.id   2RKD
#
_cell.length_a   45.294
_cell.length_b   119.397
_cell.length_c   60.762
_cell.angle_alpha   90.000
_cell.angle_beta   108.660
_cell.angle_gamma   90.000
#
_symmetry.space_group_name_H-M   'P 1 21 1'
#
loop_
_entity.id
_entity.type
_entity.pdbx_description
1 polymer 'Phosphoenolpyruvate carboxykinase, cytosolic [GTP]'
2 non-polymer 'MANGANESE (II) ION'
3 non-polymer 'SODIUM ION'
4 non-polymer '3-PHOSPHONOPROPANOIC ACID'
5 water water
#
_entity_poly.entity_id   1
_entity_poly.type   'polypeptide(L)'
_entity_poly.pdbx_seq_one_letter_code
;GSMPPQLHNGLDFSAKVIQGSLDSLPQEVRKFVEGNAQLCQPEYIHICDGSEEEYGRLLAHMQEEGVIRKLKKYDNCWLA
LTDPRDVARIESKTVIITQEQRDTVPIPKSGQSQLGRWMSEEDFEKAFNARFPGCMKGRTMYVIPFSMGPLGSPLAKIGI
ELTDSPYVVASMRIMTRMGTSVLEALGDGEFIKCLHSVGCPLPLKKPLVNNWACNPELTLIAHLPDRREIISFGSGYGGN
SLLGKKCFALRIASRLAKEEGWLAEHMLILGITNPEGKKKYLAAAFPSACGKTNLAMMNPTLPGWKVECVGDDIAWMKFD
AQGNLRAINPENGFFGVAPGTSVKTNPNAIKTIQKNTIFTNVAETSDGGVYWEGIDEPLAPGVTITSWKNKEWRPQDEEP
CAHPNSRFCTPASQCPIIDPAWESPEGVPIEGIIFGGRRPAGVPLVYEALSWQHGVFVGAAMRSEATAAAEHKGKVIMHD
PFAMRPFFGYNFGKYLAHWLSMAHRPAAKLPKIFHVNWFRKDKNGKFLWPGFGENSRVLEWMFGRIEGEDSAKLTPIGYV
PKEDALNLKGLGDVNVEELFGISKEFWEKEVEEIDKYLEDQVNADLPYEIERELRALKQRISQM
;
_entity_poly.pdbx_strand_id   A
#
# COMPACT_ATOMS: atom_id res chain seq x y z
N PRO A 5 -33.81 -19.62 -15.76
CA PRO A 5 -34.71 -20.74 -15.47
C PRO A 5 -35.29 -20.64 -14.05
N GLN A 6 -36.59 -20.88 -13.92
CA GLN A 6 -37.30 -20.75 -12.64
C GLN A 6 -38.59 -21.55 -12.60
N LEU A 7 -38.77 -22.34 -11.54
CA LEU A 7 -40.06 -22.95 -11.22
C LEU A 7 -40.87 -22.01 -10.35
N HIS A 8 -40.18 -21.04 -9.75
CA HIS A 8 -40.81 -20.05 -8.88
C HIS A 8 -40.36 -18.63 -9.22
N ASN A 9 -40.10 -17.80 -8.21
CA ASN A 9 -39.85 -16.36 -8.43
C ASN A 9 -38.55 -15.83 -7.81
N GLY A 10 -37.79 -16.70 -7.15
CA GLY A 10 -36.72 -16.28 -6.24
C GLY A 10 -35.25 -16.41 -6.62
N LEU A 11 -34.95 -16.49 -7.91
CA LEU A 11 -33.56 -16.52 -8.37
C LEU A 11 -33.19 -15.33 -9.24
N ASP A 12 -34.16 -14.82 -9.98
CA ASP A 12 -33.99 -13.63 -10.79
C ASP A 12 -34.14 -12.40 -9.91
N PHE A 13 -33.06 -11.64 -9.76
CA PHE A 13 -33.03 -10.46 -8.89
C PHE A 13 -33.28 -9.15 -9.66
N SER A 14 -33.77 -9.27 -10.90
CA SER A 14 -34.06 -8.12 -11.75
C SER A 14 -34.97 -7.07 -11.09
N ALA A 15 -36.02 -7.53 -10.40
CA ALA A 15 -36.99 -6.64 -9.74
C ALA A 15 -36.35 -5.80 -8.62
N LYS A 16 -35.16 -6.18 -8.18
CA LYS A 16 -34.49 -5.52 -7.06
C LYS A 16 -33.39 -4.54 -7.48
N VAL A 17 -33.12 -4.45 -8.78
CA VAL A 17 -32.11 -3.54 -9.31
C VAL A 17 -32.64 -2.10 -9.29
N ILE A 18 -31.94 -1.23 -8.56
CA ILE A 18 -32.35 0.18 -8.42
C ILE A 18 -31.52 1.14 -9.27
N GLN A 19 -30.44 0.64 -9.85
CA GLN A 19 -29.69 1.37 -10.87
C GLN A 19 -28.95 0.38 -11.77
N GLY A 20 -29.09 0.60 -13.09
CA GLY A 20 -28.49 -0.27 -14.08
C GLY A 20 -29.43 -1.40 -14.46
N SER A 21 -28.87 -2.43 -15.08
CA SER A 21 -29.64 -3.58 -15.52
C SER A 21 -28.79 -4.84 -15.35
N LEU A 22 -29.40 -5.92 -14.87
CA LEU A 22 -28.72 -7.22 -14.85
C LEU A 22 -28.48 -7.70 -16.28
N ASP A 23 -29.47 -7.45 -17.14
CA ASP A 23 -29.43 -7.88 -18.55
C ASP A 23 -28.28 -7.29 -19.38
N SER A 24 -27.81 -6.10 -19.00
CA SER A 24 -26.77 -5.44 -19.78
C SER A 24 -25.37 -5.85 -19.34
N LEU A 25 -25.26 -6.35 -18.11
CA LEU A 25 -24.03 -6.91 -17.57
C LEU A 25 -23.50 -8.07 -18.40
N PRO A 26 -22.17 -8.16 -18.57
CA PRO A 26 -21.59 -9.35 -19.20
C PRO A 26 -21.98 -10.61 -18.42
N GLN A 27 -22.20 -11.69 -19.16
CA GLN A 27 -22.61 -13.00 -18.62
C GLN A 27 -22.04 -13.32 -17.23
N GLU A 28 -20.72 -13.35 -17.14
CA GLU A 28 -20.03 -13.75 -15.92
C GLU A 28 -20.14 -12.72 -14.79
N VAL A 29 -20.34 -11.45 -15.14
CA VAL A 29 -20.57 -10.43 -14.12
C VAL A 29 -21.96 -10.63 -13.50
N ARG A 30 -22.96 -10.86 -14.34
CA ARG A 30 -24.32 -11.16 -13.88
C ARG A 30 -24.36 -12.35 -12.93
N LYS A 31 -23.66 -13.42 -13.28
CA LYS A 31 -23.59 -14.63 -12.46
C LYS A 31 -22.98 -14.36 -11.08
N PHE A 32 -21.92 -13.55 -11.07
CA PHE A 32 -21.26 -13.13 -9.84
C PHE A 32 -22.21 -12.33 -8.94
N VAL A 33 -22.82 -11.29 -9.53
CA VAL A 33 -23.79 -10.42 -8.83
C VAL A 33 -25.01 -11.19 -8.32
N GLU A 34 -25.64 -11.95 -9.21
CA GLU A 34 -26.88 -12.67 -8.87
C GLU A 34 -26.66 -13.80 -7.88
N GLY A 35 -25.65 -14.63 -8.12
CA GLY A 35 -25.30 -15.69 -7.20
C GLY A 35 -25.08 -15.16 -5.79
N ASN A 36 -24.36 -14.04 -5.68
CA ASN A 36 -24.13 -13.43 -4.37
C ASN A 36 -25.32 -12.69 -3.79
N ALA A 37 -26.19 -12.15 -4.65
CA ALA A 37 -27.47 -11.62 -4.20
C ALA A 37 -28.32 -12.74 -3.59
N GLN A 38 -28.36 -13.90 -4.25
CA GLN A 38 -29.08 -15.07 -3.74
C GLN A 38 -28.56 -15.48 -2.36
N LEU A 39 -27.25 -15.43 -2.19
CA LEU A 39 -26.60 -15.80 -0.91
C LEU A 39 -26.79 -14.75 0.20
N CYS A 40 -26.50 -13.49 -0.12
CA CYS A 40 -26.46 -12.41 0.89
C CYS A 40 -27.82 -11.76 1.16
N GLN A 41 -28.75 -11.96 0.22
CA GLN A 41 -30.14 -11.47 0.34
CA GLN A 41 -30.13 -11.46 0.32
C GLN A 41 -30.24 -9.93 0.51
N PRO A 42 -29.57 -9.15 -0.39
CA PRO A 42 -29.74 -7.70 -0.26
C PRO A 42 -31.18 -7.28 -0.57
N GLU A 43 -31.61 -6.16 -0.02
CA GLU A 43 -32.93 -5.62 -0.36
C GLU A 43 -32.93 -5.07 -1.78
N TYR A 44 -31.84 -4.43 -2.16
CA TYR A 44 -31.67 -3.78 -3.47
C TYR A 44 -30.30 -4.07 -4.07
N ILE A 45 -30.20 -3.97 -5.39
CA ILE A 45 -28.91 -4.01 -6.08
C ILE A 45 -28.71 -2.69 -6.82
N HIS A 46 -27.60 -2.02 -6.53
CA HIS A 46 -27.24 -0.77 -7.20
C HIS A 46 -25.98 -1.00 -8.04
N ILE A 47 -26.13 -0.96 -9.37
CA ILE A 47 -24.98 -1.08 -10.24
C ILE A 47 -24.37 0.31 -10.43
N CYS A 48 -23.20 0.52 -9.81
CA CYS A 48 -22.52 1.81 -9.84
C CYS A 48 -22.14 2.24 -11.25
N ASP A 49 -22.41 3.51 -11.56
CA ASP A 49 -22.01 4.09 -12.84
C ASP A 49 -20.76 4.97 -12.72
N GLY A 50 -20.37 5.31 -11.49
CA GLY A 50 -19.17 6.13 -11.24
C GLY A 50 -19.35 7.62 -11.50
N SER A 51 -20.59 8.02 -11.76
CA SER A 51 -20.91 9.41 -12.11
C SER A 51 -20.78 10.35 -10.91
N GLU A 52 -20.58 11.64 -11.20
CA GLU A 52 -20.53 12.65 -10.17
C GLU A 52 -21.85 12.73 -9.40
N GLU A 53 -22.97 12.57 -10.11
CA GLU A 53 -24.31 12.60 -9.52
C GLU A 53 -24.49 11.49 -8.49
N GLU A 54 -24.18 10.25 -8.91
CA GLU A 54 -24.22 9.08 -8.04
C GLU A 54 -23.42 9.32 -6.76
N TYR A 55 -22.23 9.91 -6.92
CA TYR A 55 -21.29 10.16 -5.84
C TYR A 55 -21.83 11.19 -4.83
N GLY A 56 -22.21 12.36 -5.34
CA GLY A 56 -22.75 13.44 -4.50
C GLY A 56 -24.00 13.04 -3.75
N ARG A 57 -24.86 12.27 -4.41
CA ARG A 57 -26.11 11.79 -3.80
C ARG A 57 -25.86 10.77 -2.68
N LEU A 58 -24.90 9.88 -2.92
CA LEU A 58 -24.52 8.88 -1.93
C LEU A 58 -23.90 9.52 -0.69
N LEU A 59 -23.06 10.54 -0.91
CA LEU A 59 -22.47 11.30 0.19
C LEU A 59 -23.54 12.00 1.04
N ALA A 60 -24.47 12.68 0.38
CA ALA A 60 -25.55 13.39 1.07
C ALA A 60 -26.45 12.42 1.82
N HIS A 61 -26.65 11.23 1.28
CA HIS A 61 -27.41 10.17 1.96
C HIS A 61 -26.70 9.64 3.21
N MET A 62 -25.38 9.46 3.13
CA MET A 62 -24.58 9.10 4.29
C MET A 62 -24.61 10.22 5.33
N GLN A 63 -24.60 11.47 4.85
CA GLN A 63 -24.69 12.65 5.70
C GLN A 63 -26.03 12.70 6.45
N GLU A 64 -27.12 12.43 5.72
CA GLU A 64 -28.47 12.28 6.28
C GLU A 64 -28.51 11.30 7.44
N GLU A 65 -27.85 10.15 7.27
CA GLU A 65 -27.95 9.03 8.22
C GLU A 65 -26.91 9.10 9.35
N GLY A 66 -26.14 10.19 9.38
CA GLY A 66 -25.12 10.37 10.41
C GLY A 66 -23.89 9.49 10.22
N VAL A 67 -23.76 8.90 9.04
CA VAL A 67 -22.62 8.02 8.71
C VAL A 67 -21.36 8.85 8.45
N ILE A 68 -21.53 9.99 7.80
CA ILE A 68 -20.44 10.95 7.62
C ILE A 68 -20.87 12.37 7.99
N ARG A 69 -19.88 13.22 8.26
CA ARG A 69 -20.10 14.65 8.51
C ARG A 69 -19.39 15.43 7.42
N LYS A 70 -20.04 16.48 6.93
CA LYS A 70 -19.39 17.39 5.98
C LYS A 70 -18.44 18.34 6.71
N LEU A 71 -17.26 18.55 6.12
CA LEU A 71 -16.28 19.49 6.66
C LEU A 71 -16.44 20.82 5.93
N LYS A 72 -17.06 21.78 6.62
CA LYS A 72 -17.48 23.05 6.00
C LYS A 72 -16.35 24.03 5.63
N LYS A 73 -15.16 23.81 6.16
CA LYS A 73 -14.01 24.68 5.87
C LYS A 73 -13.47 24.44 4.46
N TYR A 74 -13.66 23.23 3.97
CA TYR A 74 -13.06 22.81 2.70
C TYR A 74 -14.10 22.60 1.60
N ASP A 75 -13.60 22.38 0.39
CA ASP A 75 -14.44 22.14 -0.79
C ASP A 75 -14.75 20.64 -0.91
N ASN A 76 -16.01 20.28 -0.68
CA ASN A 76 -16.49 18.89 -0.82
C ASN A 76 -15.62 17.87 -0.06
N CYS A 77 -15.39 18.13 1.22
CA CYS A 77 -14.63 17.22 2.07
C CYS A 77 -15.51 16.65 3.18
N TRP A 78 -15.21 15.42 3.58
CA TRP A 78 -16.09 14.64 4.45
C TRP A 78 -15.33 13.90 5.55
N LEU A 79 -16.02 13.62 6.64
CA LEU A 79 -15.40 12.97 7.80
C LEU A 79 -16.24 11.81 8.31
N ALA A 80 -15.59 10.67 8.48
CA ALA A 80 -16.21 9.48 9.06
C ALA A 80 -15.46 9.10 10.34
N LEU A 81 -16.21 8.86 11.40
CA LEU A 81 -15.65 8.40 12.66
C LEU A 81 -16.17 6.99 12.89
N THR A 82 -15.26 6.05 13.11
CA THR A 82 -15.62 4.63 13.15
C THR A 82 -15.94 4.13 14.57
N ASP A 83 -16.52 2.94 14.63
CA ASP A 83 -16.52 2.11 15.83
C ASP A 83 -15.05 1.90 16.21
N PRO A 84 -14.65 2.19 17.47
CA PRO A 84 -13.24 2.04 17.83
C PRO A 84 -12.70 0.60 17.70
N ARG A 85 -13.59 -0.38 17.62
CA ARG A 85 -13.22 -1.77 17.38
C ARG A 85 -12.78 -2.02 15.93
N ASP A 86 -13.10 -1.07 15.05
CA ASP A 86 -12.83 -1.24 13.62
C ASP A 86 -12.03 -0.04 13.07
N VAL A 87 -10.72 -0.07 13.27
CA VAL A 87 -9.87 1.10 13.00
C VAL A 87 -8.65 0.85 12.11
N ALA A 88 -8.46 -0.40 11.65
CA ALA A 88 -7.28 -0.78 10.89
C ALA A 88 -7.42 -2.12 10.15
N ARG A 89 -6.54 -2.35 9.18
CA ARG A 89 -6.26 -3.69 8.69
C ARG A 89 -5.92 -4.61 9.86
N ILE A 90 -6.50 -5.81 9.86
CA ILE A 90 -6.20 -6.80 10.88
C ILE A 90 -5.47 -7.98 10.25
N GLU A 91 -4.16 -8.05 10.44
CA GLU A 91 -3.36 -9.14 9.88
CA GLU A 91 -3.34 -9.13 9.89
C GLU A 91 -3.77 -10.50 10.42
N SER A 92 -4.10 -10.58 11.71
CA SER A 92 -4.44 -11.85 12.35
C SER A 92 -5.76 -12.47 11.87
N LYS A 93 -6.50 -11.72 11.06
CA LYS A 93 -7.76 -12.18 10.47
C LYS A 93 -7.69 -12.14 8.95
N THR A 94 -6.47 -11.98 8.44
CA THR A 94 -6.20 -11.93 7.00
C THR A 94 -5.53 -13.23 6.56
N VAL A 95 -6.13 -13.89 5.57
CA VAL A 95 -5.71 -15.22 5.16
C VAL A 95 -5.69 -15.42 3.65
N ILE A 96 -4.86 -16.37 3.23
CA ILE A 96 -4.84 -16.84 1.84
C ILE A 96 -5.12 -18.34 1.79
N ILE A 97 -6.00 -18.72 0.88
CA ILE A 97 -6.44 -20.12 0.78
C ILE A 97 -5.79 -20.73 -0.46
N THR A 98 -5.04 -21.81 -0.26
CA THR A 98 -4.55 -22.66 -1.35
C THR A 98 -4.67 -24.12 -0.94
N GLN A 99 -4.58 -25.03 -1.91
CA GLN A 99 -4.61 -26.47 -1.63
C GLN A 99 -3.48 -26.88 -0.68
N GLU A 100 -2.26 -26.43 -0.96
CA GLU A 100 -1.08 -26.71 -0.13
C GLU A 100 -0.65 -25.46 0.61
N GLN A 101 -0.38 -25.60 1.91
CA GLN A 101 0.13 -24.49 2.71
C GLN A 101 1.42 -23.91 2.13
N ARG A 102 2.32 -24.80 1.72
CA ARG A 102 3.63 -24.40 1.19
C ARG A 102 3.57 -23.45 -0.01
N ASP A 103 2.49 -23.51 -0.79
CA ASP A 103 2.34 -22.59 -1.91
C ASP A 103 2.10 -21.14 -1.46
N THR A 104 1.56 -21.00 -0.24
CA THR A 104 1.20 -19.69 0.34
C THR A 104 2.31 -19.11 1.21
N VAL A 105 2.90 -19.96 2.05
CA VAL A 105 3.93 -19.55 2.99
C VAL A 105 4.99 -20.65 3.09
N PRO A 106 6.27 -20.27 3.23
CA PRO A 106 7.26 -21.31 3.50
C PRO A 106 6.96 -21.96 4.85
N ILE A 107 7.34 -23.22 5.01
CA ILE A 107 7.15 -23.93 6.28
C ILE A 107 8.36 -23.65 7.17
N PRO A 108 8.15 -22.95 8.30
CA PRO A 108 9.27 -22.50 9.14
C PRO A 108 9.98 -23.65 9.86
N LYS A 109 11.26 -23.46 10.16
CA LYS A 109 12.08 -24.47 10.79
C LYS A 109 11.87 -24.59 12.31
N SER A 110 11.67 -23.46 12.97
CA SER A 110 11.61 -23.42 14.44
C SER A 110 10.22 -23.03 14.95
N GLY A 111 9.77 -21.83 14.58
CA GLY A 111 8.53 -21.28 15.13
C GLY A 111 7.42 -21.10 14.13
N GLN A 112 6.62 -20.06 14.39
CA GLN A 112 5.45 -19.75 13.57
CA GLN A 112 5.45 -19.71 13.60
C GLN A 112 5.85 -18.82 12.42
N SER A 113 5.13 -18.91 11.30
CA SER A 113 5.44 -18.08 10.13
C SER A 113 5.02 -16.62 10.32
N GLN A 114 5.93 -15.72 9.99
CA GLN A 114 5.63 -14.28 9.99
C GLN A 114 5.39 -13.80 8.56
N LEU A 115 5.40 -14.70 7.60
CA LEU A 115 5.40 -14.33 6.18
C LEU A 115 4.05 -14.50 5.48
N GLY A 116 3.03 -14.83 6.26
CA GLY A 116 1.69 -15.02 5.75
C GLY A 116 0.85 -15.90 6.66
N ARG A 117 -0.41 -16.07 6.30
CA ARG A 117 -1.34 -16.86 7.09
C ARG A 117 -2.21 -17.69 6.17
N TRP A 118 -1.96 -18.98 6.14
CA TRP A 118 -2.70 -19.90 5.28
C TRP A 118 -3.93 -20.44 5.99
N MET A 119 -5.01 -20.60 5.23
CA MET A 119 -6.19 -21.29 5.72
C MET A 119 -6.58 -22.34 4.68
N SER A 120 -6.93 -23.53 5.13
CA SER A 120 -7.38 -24.58 4.22
C SER A 120 -8.69 -24.20 3.57
N GLU A 121 -8.93 -24.78 2.39
CA GLU A 121 -10.19 -24.59 1.66
C GLU A 121 -11.37 -25.05 2.50
N GLU A 122 -11.16 -26.15 3.24
CA GLU A 122 -12.17 -26.75 4.13
C GLU A 122 -12.53 -25.81 5.27
N ASP A 123 -11.52 -25.24 5.91
CA ASP A 123 -11.74 -24.29 6.99
C ASP A 123 -12.39 -23.01 6.48
N PHE A 124 -11.97 -22.55 5.30
CA PHE A 124 -12.59 -21.35 4.74
C PHE A 124 -14.08 -21.52 4.42
N GLU A 125 -14.44 -22.66 3.83
CA GLU A 125 -15.83 -22.90 3.44
C GLU A 125 -16.75 -22.88 4.67
N LYS A 126 -16.30 -23.48 5.77
CA LYS A 126 -17.03 -23.41 7.04
C LYS A 126 -17.15 -21.97 7.55
N ALA A 127 -16.04 -21.25 7.54
CA ALA A 127 -16.02 -19.84 7.96
C ALA A 127 -16.96 -18.98 7.11
N PHE A 128 -16.95 -19.22 5.80
CA PHE A 128 -17.80 -18.51 4.84
C PHE A 128 -19.29 -18.76 5.09
N ASN A 129 -19.65 -20.02 5.25
CA ASN A 129 -21.03 -20.43 5.53
C ASN A 129 -21.57 -19.87 6.84
N ALA A 130 -20.67 -19.62 7.79
CA ALA A 130 -21.02 -19.04 9.09
C ALA A 130 -21.19 -17.51 9.06
N ARG A 131 -20.97 -16.88 7.90
CA ARG A 131 -20.91 -15.42 7.82
C ARG A 131 -21.84 -14.82 6.75
N PHE A 132 -21.69 -15.29 5.52
CA PHE A 132 -22.30 -14.63 4.38
C PHE A 132 -23.82 -14.86 4.12
N PRO A 133 -24.33 -16.08 4.35
CA PRO A 133 -25.77 -16.29 4.12
C PRO A 133 -26.65 -15.26 4.85
N GLY A 134 -27.44 -14.52 4.09
CA GLY A 134 -28.34 -13.51 4.65
C GLY A 134 -27.74 -12.20 5.13
N CYS A 135 -26.43 -12.03 4.96
CA CYS A 135 -25.68 -10.93 5.64
C CYS A 135 -26.03 -9.51 5.18
N MET A 136 -26.64 -9.39 4.00
CA MET A 136 -27.01 -8.08 3.47
C MET A 136 -28.50 -7.78 3.58
N LYS A 137 -29.24 -8.60 4.34
CA LYS A 137 -30.67 -8.36 4.53
C LYS A 137 -30.97 -6.91 4.96
N GLY A 138 -31.92 -6.29 4.27
CA GLY A 138 -32.32 -4.92 4.54
C GLY A 138 -31.41 -3.84 3.99
N ARG A 139 -30.34 -4.25 3.31
CA ARG A 139 -29.34 -3.32 2.77
C ARG A 139 -29.23 -3.37 1.25
N THR A 140 -28.66 -2.31 0.67
CA THR A 140 -28.34 -2.27 -0.75
C THR A 140 -27.01 -2.98 -1.01
N MET A 141 -26.99 -3.86 -2.01
CA MET A 141 -25.74 -4.40 -2.51
C MET A 141 -25.26 -3.50 -3.62
N TYR A 142 -24.15 -2.81 -3.40
CA TYR A 142 -23.53 -2.00 -4.44
C TYR A 142 -22.58 -2.83 -5.30
N VAL A 143 -22.71 -2.71 -6.61
CA VAL A 143 -21.82 -3.38 -7.57
C VAL A 143 -20.83 -2.36 -8.13
N ILE A 144 -19.56 -2.50 -7.77
CA ILE A 144 -18.49 -1.56 -8.17
C ILE A 144 -17.60 -2.15 -9.26
N PRO A 145 -17.79 -1.73 -10.52
CA PRO A 145 -16.85 -2.18 -11.54
C PRO A 145 -15.63 -1.27 -11.53
N PHE A 146 -14.44 -1.83 -11.32
CA PHE A 146 -13.25 -0.99 -11.19
C PHE A 146 -12.03 -1.52 -11.92
N SER A 147 -11.22 -0.60 -12.42
CA SER A 147 -9.96 -0.90 -13.05
C SER A 147 -8.83 -0.54 -12.12
N MET A 148 -7.89 -1.46 -11.95
CA MET A 148 -6.65 -1.18 -11.27
C MET A 148 -5.61 -0.83 -12.33
N GLY A 149 -5.35 0.46 -12.48
CA GLY A 149 -4.47 0.95 -13.54
C GLY A 149 -5.25 1.73 -14.57
N PRO A 150 -4.54 2.56 -15.36
CA PRO A 150 -5.19 3.34 -16.43
C PRO A 150 -6.11 2.45 -17.27
N LEU A 151 -7.30 2.96 -17.60
CA LEU A 151 -8.30 2.18 -18.32
CA LEU A 151 -8.31 2.18 -18.32
C LEU A 151 -7.75 1.46 -19.55
N GLY A 152 -6.95 2.15 -20.36
CA GLY A 152 -6.38 1.53 -21.56
C GLY A 152 -5.19 0.60 -21.40
N SER A 153 -4.63 0.52 -20.18
CA SER A 153 -3.30 -0.08 -19.97
C SER A 153 -3.27 -1.60 -20.18
N PRO A 154 -2.28 -2.08 -20.94
CA PRO A 154 -2.05 -3.53 -21.02
C PRO A 154 -1.57 -4.10 -19.68
N LEU A 155 -1.23 -3.22 -18.74
CA LEU A 155 -0.80 -3.62 -17.39
C LEU A 155 -1.94 -3.63 -16.37
N ALA A 156 -3.06 -3.03 -16.75
CA ALA A 156 -4.22 -2.87 -15.87
C ALA A 156 -5.00 -4.17 -15.70
N LYS A 157 -5.71 -4.27 -14.58
CA LYS A 157 -6.55 -5.44 -14.29
C LYS A 157 -7.87 -4.98 -13.68
N ILE A 158 -8.95 -5.66 -14.04
CA ILE A 158 -10.28 -5.24 -13.64
C ILE A 158 -10.84 -6.13 -12.54
N GLY A 159 -11.54 -5.50 -11.60
CA GLY A 159 -12.27 -6.21 -10.56
C GLY A 159 -13.72 -5.77 -10.51
N ILE A 160 -14.53 -6.60 -9.86
CA ILE A 160 -15.89 -6.22 -9.50
C ILE A 160 -16.01 -6.41 -8.00
N GLU A 161 -16.28 -5.31 -7.29
CA GLU A 161 -16.53 -5.39 -5.84
C GLU A 161 -18.01 -5.25 -5.51
N LEU A 162 -18.54 -6.25 -4.80
CA LEU A 162 -19.87 -6.18 -4.25
C LEU A 162 -19.72 -5.76 -2.80
N THR A 163 -20.47 -4.75 -2.38
CA THR A 163 -20.39 -4.29 -0.98
C THR A 163 -21.75 -3.78 -0.49
N ASP A 164 -21.95 -3.83 0.81
CA ASP A 164 -23.13 -3.22 1.43
C ASP A 164 -22.79 -1.91 2.17
N SER A 165 -21.61 -1.36 1.88
CA SER A 165 -21.17 -0.10 2.49
C SER A 165 -21.02 1.03 1.47
N PRO A 166 -21.89 2.06 1.57
CA PRO A 166 -21.73 3.31 0.81
C PRO A 166 -20.37 3.98 1.00
N TYR A 167 -19.84 3.95 2.22
CA TYR A 167 -18.48 4.40 2.52
C TYR A 167 -17.43 3.74 1.62
N VAL A 168 -17.57 2.43 1.42
CA VAL A 168 -16.70 1.68 0.49
C VAL A 168 -16.87 2.13 -0.96
N VAL A 169 -18.12 2.33 -1.39
CA VAL A 169 -18.37 2.86 -2.73
C VAL A 169 -17.67 4.21 -2.94
N ALA A 170 -17.90 5.15 -2.02
CA ALA A 170 -17.33 6.50 -2.12
C ALA A 170 -15.79 6.45 -2.18
N SER A 171 -15.20 5.67 -1.29
CA SER A 171 -13.74 5.51 -1.22
C SER A 171 -13.16 4.81 -2.44
N MET A 172 -13.86 3.80 -2.96
CA MET A 172 -13.44 3.09 -4.17
C MET A 172 -13.47 3.99 -5.42
N ARG A 173 -14.40 4.95 -5.45
CA ARG A 173 -14.43 5.90 -6.55
C ARG A 173 -13.12 6.71 -6.60
N ILE A 174 -12.65 7.09 -5.42
CA ILE A 174 -11.39 7.84 -5.27
C ILE A 174 -10.16 6.96 -5.55
N MET A 175 -10.16 5.75 -4.99
CA MET A 175 -8.96 4.91 -4.95
C MET A 175 -8.72 4.08 -6.19
N THR A 176 -9.77 3.90 -6.99
CA THR A 176 -9.72 3.13 -8.23
C THR A 176 -10.45 3.92 -9.32
N ARG A 177 -10.37 3.45 -10.55
CA ARG A 177 -11.21 3.97 -11.63
C ARG A 177 -12.45 3.10 -11.75
N MET A 178 -13.62 3.66 -11.42
CA MET A 178 -14.83 2.85 -11.31
C MET A 178 -16.03 3.42 -12.07
N GLY A 179 -16.91 2.52 -12.51
CA GLY A 179 -18.13 2.93 -13.18
C GLY A 179 -18.39 2.25 -14.51
N THR A 180 -19.29 2.84 -15.29
CA THR A 180 -19.85 2.22 -16.50
C THR A 180 -18.79 1.91 -17.56
N SER A 181 -17.85 2.83 -17.77
CA SER A 181 -16.79 2.67 -18.77
C SER A 181 -15.91 1.45 -18.48
N VAL A 182 -15.76 1.10 -17.20
CA VAL A 182 -15.04 -0.11 -16.83
C VAL A 182 -15.81 -1.36 -17.28
N LEU A 183 -17.12 -1.39 -17.03
CA LEU A 183 -17.97 -2.50 -17.51
C LEU A 183 -17.85 -2.65 -19.03
N GLU A 184 -17.89 -1.52 -19.74
CA GLU A 184 -17.78 -1.51 -21.20
C GLU A 184 -16.41 -1.97 -21.71
N ALA A 185 -15.36 -1.59 -20.99
CA ALA A 185 -14.00 -2.05 -21.30
C ALA A 185 -13.82 -3.53 -21.02
N LEU A 186 -14.48 -4.02 -19.96
CA LEU A 186 -14.34 -5.40 -19.54
C LEU A 186 -14.87 -6.41 -20.55
N GLY A 187 -16.12 -6.22 -20.98
CA GLY A 187 -16.81 -7.18 -21.84
C GLY A 187 -16.79 -8.58 -21.24
N ASP A 188 -16.46 -9.56 -22.07
CA ASP A 188 -16.42 -10.95 -21.63
C ASP A 188 -15.06 -11.37 -21.06
N GLY A 189 -14.22 -10.39 -20.72
CA GLY A 189 -12.89 -10.64 -20.18
C GLY A 189 -12.91 -11.16 -18.75
N GLU A 190 -11.72 -11.52 -18.26
CA GLU A 190 -11.56 -11.97 -16.88
C GLU A 190 -11.56 -10.80 -15.92
N PHE A 191 -12.03 -11.04 -14.70
CA PHE A 191 -12.00 -10.05 -13.65
C PHE A 191 -11.78 -10.72 -12.29
N ILE A 192 -11.31 -9.95 -11.33
CA ILE A 192 -11.18 -10.40 -9.95
C ILE A 192 -12.49 -10.20 -9.20
N LYS A 193 -12.98 -11.29 -8.62
CA LYS A 193 -14.24 -11.28 -7.89
C LYS A 193 -13.98 -10.78 -6.47
N CYS A 194 -14.53 -9.62 -6.14
CA CYS A 194 -14.37 -9.03 -4.80
C CYS A 194 -15.72 -8.93 -4.09
N LEU A 195 -15.83 -9.63 -2.97
CA LEU A 195 -17.06 -9.66 -2.18
C LEU A 195 -16.80 -9.11 -0.79
N HIS A 196 -17.58 -8.12 -0.39
CA HIS A 196 -17.43 -7.52 0.93
C HIS A 196 -18.77 -7.35 1.65
N SER A 197 -18.80 -7.63 2.95
CA SER A 197 -19.95 -7.21 3.76
C SER A 197 -19.48 -6.72 5.12
N VAL A 198 -20.14 -5.68 5.63
CA VAL A 198 -19.91 -5.23 7.01
C VAL A 198 -20.42 -6.27 8.04
N GLY A 199 -21.25 -7.19 7.56
CA GLY A 199 -21.69 -8.33 8.36
C GLY A 199 -22.70 -7.97 9.44
N CYS A 200 -23.59 -7.02 9.12
CA CYS A 200 -24.61 -6.55 10.05
C CYS A 200 -25.98 -6.51 9.37
N PRO A 201 -26.57 -7.70 9.11
CA PRO A 201 -27.87 -7.73 8.44
C PRO A 201 -28.94 -7.03 9.28
N LEU A 202 -29.91 -6.43 8.60
CA LEU A 202 -31.04 -5.82 9.29
C LEU A 202 -32.17 -6.84 9.43
N PRO A 203 -32.90 -6.83 10.58
CA PRO A 203 -32.72 -5.97 11.75
C PRO A 203 -31.43 -6.29 12.52
N LEU A 204 -30.77 -5.25 13.03
CA LEU A 204 -29.49 -5.40 13.72
C LEU A 204 -29.61 -6.24 14.99
N LYS A 205 -28.80 -7.29 15.07
CA LYS A 205 -28.77 -8.19 16.23
C LYS A 205 -27.93 -7.60 17.36
N LYS A 206 -27.00 -6.72 16.99
CA LYS A 206 -26.09 -6.08 17.94
C LYS A 206 -26.13 -4.55 17.82
N PRO A 207 -25.81 -3.84 18.92
CA PRO A 207 -25.84 -2.37 18.89
C PRO A 207 -24.92 -1.76 17.84
N LEU A 208 -25.43 -0.75 17.14
CA LEU A 208 -24.66 0.00 16.16
C LEU A 208 -23.90 1.09 16.89
N VAL A 209 -22.57 1.08 16.76
CA VAL A 209 -21.72 2.06 17.45
C VAL A 209 -21.25 3.12 16.45
N ASN A 210 -21.39 4.38 16.85
CA ASN A 210 -20.94 5.54 16.06
C ASN A 210 -21.42 5.52 14.61
N ASN A 211 -22.60 4.97 14.37
CA ASN A 211 -23.15 4.80 13.01
C ASN A 211 -22.19 4.10 12.05
N TRP A 212 -21.44 3.14 12.58
CA TRP A 212 -20.42 2.43 11.82
C TRP A 212 -20.64 0.94 11.91
N ALA A 213 -21.30 0.40 10.90
CA ALA A 213 -21.60 -1.03 10.86
C ALA A 213 -20.32 -1.84 10.70
N CYS A 214 -20.18 -2.85 11.56
CA CYS A 214 -19.02 -3.73 11.58
C CYS A 214 -19.31 -4.94 12.46
N ASN A 215 -18.57 -6.02 12.24
CA ASN A 215 -18.70 -7.23 13.03
C ASN A 215 -17.30 -7.73 13.41
N PRO A 216 -16.71 -7.16 14.47
CA PRO A 216 -15.32 -7.47 14.81
C PRO A 216 -15.05 -8.95 15.07
N GLU A 217 -15.97 -9.63 15.76
CA GLU A 217 -15.77 -11.02 16.16
C GLU A 217 -15.68 -11.95 14.95
N LEU A 218 -16.37 -11.60 13.87
CA LEU A 218 -16.42 -12.44 12.67
C LEU A 218 -15.58 -11.90 11.51
N THR A 219 -14.78 -10.87 11.80
CA THR A 219 -13.93 -10.25 10.78
C THR A 219 -12.97 -11.26 10.17
N LEU A 220 -12.96 -11.32 8.85
CA LEU A 220 -12.13 -12.26 8.09
C LEU A 220 -11.90 -11.69 6.70
N ILE A 221 -10.64 -11.60 6.30
CA ILE A 221 -10.26 -11.06 4.99
C ILE A 221 -9.52 -12.15 4.22
N ALA A 222 -10.21 -12.76 3.26
CA ALA A 222 -9.70 -13.94 2.61
C ALA A 222 -9.35 -13.73 1.14
N HIS A 223 -8.33 -14.44 0.69
CA HIS A 223 -7.88 -14.40 -0.70
C HIS A 223 -7.80 -15.81 -1.23
N LEU A 224 -8.41 -16.01 -2.39
CA LEU A 224 -8.38 -17.32 -3.02
C LEU A 224 -7.81 -17.14 -4.43
N PRO A 225 -6.47 -17.08 -4.54
CA PRO A 225 -5.82 -16.74 -5.80
C PRO A 225 -6.17 -17.68 -6.94
N ASP A 226 -6.39 -18.95 -6.64
CA ASP A 226 -6.73 -19.92 -7.69
C ASP A 226 -8.13 -19.76 -8.27
N ARG A 227 -9.02 -19.14 -7.50
CA ARG A 227 -10.38 -18.84 -7.92
CA ARG A 227 -10.38 -18.85 -7.94
C ARG A 227 -10.55 -17.39 -8.34
N ARG A 228 -9.47 -16.60 -8.23
CA ARG A 228 -9.46 -15.17 -8.51
C ARG A 228 -10.52 -14.44 -7.66
N GLU A 229 -10.57 -14.79 -6.38
CA GLU A 229 -11.60 -14.27 -5.48
C GLU A 229 -10.97 -13.61 -4.26
N ILE A 230 -11.53 -12.46 -3.88
CA ILE A 230 -11.28 -11.85 -2.57
C ILE A 230 -12.62 -11.80 -1.85
N ILE A 231 -12.64 -12.29 -0.63
CA ILE A 231 -13.87 -12.39 0.15
C ILE A 231 -13.60 -11.84 1.56
N SER A 232 -14.24 -10.73 1.91
CA SER A 232 -13.95 -10.01 3.16
C SER A 232 -15.22 -9.67 3.92
N PHE A 233 -15.22 -9.99 5.21
CA PHE A 233 -16.40 -9.89 6.07
C PHE A 233 -16.08 -9.21 7.40
N GLY A 234 -16.94 -8.28 7.82
CA GLY A 234 -16.92 -7.81 9.20
C GLY A 234 -16.24 -6.49 9.49
N SER A 235 -15.32 -6.08 8.61
CA SER A 235 -14.71 -4.76 8.75
C SER A 235 -15.10 -3.83 7.61
N GLY A 236 -15.39 -2.58 7.94
CA GLY A 236 -15.66 -1.56 6.94
C GLY A 236 -14.45 -0.69 6.66
N TYR A 237 -13.32 -1.03 7.27
CA TYR A 237 -12.14 -0.15 7.28
C TYR A 237 -11.07 -0.45 6.23
N GLY A 238 -10.70 0.61 5.51
CA GLY A 238 -9.51 0.65 4.64
C GLY A 238 -9.14 -0.62 3.90
N GLY A 239 -7.98 -1.16 4.24
CA GLY A 239 -7.44 -2.38 3.62
C GLY A 239 -8.33 -3.60 3.68
N ASN A 240 -9.23 -3.64 4.67
CA ASN A 240 -10.18 -4.75 4.81
C ASN A 240 -11.41 -4.66 3.90
N SER A 241 -11.70 -3.46 3.42
CA SER A 241 -12.97 -3.20 2.74
C SER A 241 -12.80 -2.63 1.34
N LEU A 242 -11.77 -1.80 1.16
CA LEU A 242 -11.41 -1.28 -0.16
C LEU A 242 -10.54 -2.34 -0.79
N LEU A 243 -11.19 -3.27 -1.49
CA LEU A 243 -10.53 -4.53 -1.86
C LEU A 243 -9.49 -4.41 -2.99
N GLY A 244 -9.52 -3.29 -3.71
CA GLY A 244 -8.46 -2.95 -4.66
C GLY A 244 -7.12 -2.66 -3.98
N LYS A 245 -7.18 -2.10 -2.77
CA LYS A 245 -6.03 -1.45 -2.07
C LYS A 245 -4.83 -2.35 -1.74
N LYS A 246 -5.06 -3.45 -1.03
CA LYS A 246 -4.01 -4.41 -0.66
C LYS A 246 -4.38 -5.81 -1.12
N CYS A 247 -5.64 -6.17 -0.94
CA CYS A 247 -6.13 -7.51 -1.24
C CYS A 247 -5.86 -7.88 -2.71
N PHE A 248 -6.23 -6.95 -3.60
CA PHE A 248 -6.07 -7.09 -5.05
C PHE A 248 -4.66 -6.68 -5.46
N ALA A 249 -4.33 -5.40 -5.23
CA ALA A 249 -3.10 -4.78 -5.77
C ALA A 249 -1.78 -5.42 -5.31
N LEU A 250 -1.78 -6.05 -4.14
CA LEU A 250 -0.60 -6.78 -3.65
C LEU A 250 -0.75 -8.30 -3.54
N ARG A 251 -1.77 -8.79 -2.83
CA ARG A 251 -1.86 -10.23 -2.56
C ARG A 251 -2.24 -11.07 -3.78
N ILE A 252 -3.41 -10.80 -4.34
CA ILE A 252 -3.84 -11.44 -5.58
C ILE A 252 -2.89 -11.14 -6.73
N ALA A 253 -2.53 -9.87 -6.89
CA ALA A 253 -1.66 -9.42 -7.98
C ALA A 253 -0.27 -10.05 -7.95
N SER A 254 0.34 -10.17 -6.77
CA SER A 254 1.68 -10.77 -6.70
C SER A 254 1.65 -12.20 -7.25
N ARG A 255 0.56 -12.92 -6.96
CA ARG A 255 0.38 -14.27 -7.46
C ARG A 255 0.17 -14.29 -8.99
N LEU A 256 -0.69 -13.40 -9.51
CA LEU A 256 -0.85 -13.21 -10.97
C LEU A 256 0.48 -12.83 -11.64
N ALA A 257 1.24 -11.96 -10.99
CA ALA A 257 2.55 -11.50 -11.46
C ALA A 257 3.53 -12.67 -11.54
N LYS A 258 3.51 -13.52 -10.52
CA LYS A 258 4.32 -14.74 -10.49
C LYS A 258 4.00 -15.65 -11.68
N GLU A 259 2.71 -15.88 -11.92
CA GLU A 259 2.21 -16.67 -13.04
C GLU A 259 2.59 -16.08 -14.39
N GLU A 260 2.49 -14.76 -14.52
CA GLU A 260 2.55 -14.10 -15.83
C GLU A 260 3.90 -13.45 -16.16
N GLY A 261 4.83 -13.44 -15.20
CA GLY A 261 6.18 -12.96 -15.46
C GLY A 261 6.43 -11.48 -15.18
N TRP A 262 5.63 -10.90 -14.28
CA TRP A 262 5.81 -9.50 -13.88
C TRP A 262 5.90 -9.33 -12.36
N LEU A 263 5.81 -8.09 -11.88
CA LEU A 263 5.99 -7.78 -10.46
C LEU A 263 4.90 -6.87 -9.89
N ALA A 264 4.29 -7.30 -8.80
CA ALA A 264 3.31 -6.47 -8.06
C ALA A 264 3.93 -6.14 -6.71
N GLU A 265 4.27 -4.87 -6.51
CA GLU A 265 5.15 -4.50 -5.39
C GLU A 265 4.62 -3.37 -4.53
N HIS A 266 5.03 -3.38 -3.25
CA HIS A 266 4.68 -2.33 -2.30
C HIS A 266 5.65 -1.16 -2.48
N MET A 267 5.54 -0.47 -3.61
CA MET A 267 6.48 0.57 -4.00
C MET A 267 5.82 1.87 -4.45
N LEU A 268 6.39 2.99 -4.00
CA LEU A 268 6.08 4.29 -4.59
C LEU A 268 6.76 4.34 -5.96
N ILE A 269 6.27 5.22 -6.82
CA ILE A 269 6.93 5.51 -8.09
C ILE A 269 7.04 7.03 -8.22
N LEU A 270 8.24 7.52 -8.47
CA LEU A 270 8.45 8.95 -8.70
C LEU A 270 9.29 9.19 -9.94
N GLY A 271 9.12 10.37 -10.56
CA GLY A 271 9.94 10.79 -11.68
C GLY A 271 10.79 11.95 -11.21
N ILE A 272 12.09 11.90 -11.51
CA ILE A 272 13.02 12.93 -11.08
C ILE A 272 13.79 13.49 -12.27
N THR A 273 13.75 14.82 -12.42
CA THR A 273 14.45 15.50 -13.50
C THR A 273 15.60 16.35 -12.96
N ASN A 274 16.77 16.24 -13.60
CA ASN A 274 17.94 17.05 -13.24
C ASN A 274 17.96 18.44 -13.92
N PRO A 275 18.88 19.33 -13.51
CA PRO A 275 18.94 20.67 -14.13
C PRO A 275 19.39 20.70 -15.60
N GLU A 276 19.54 19.53 -16.23
CA GLU A 276 19.86 19.43 -17.65
C GLU A 276 18.74 18.78 -18.47
N GLY A 277 17.56 18.67 -17.87
CA GLY A 277 16.36 18.16 -18.55
C GLY A 277 16.21 16.64 -18.62
N LYS A 278 17.18 15.92 -18.07
CA LYS A 278 17.18 14.46 -18.10
C LYS A 278 16.31 13.93 -16.97
N LYS A 279 15.37 13.05 -17.33
CA LYS A 279 14.40 12.52 -16.38
C LYS A 279 14.56 11.02 -16.17
N LYS A 280 14.46 10.59 -14.91
CA LYS A 280 14.49 9.17 -14.53
C LYS A 280 13.34 8.82 -13.60
N TYR A 281 12.79 7.63 -13.78
CA TYR A 281 11.79 7.10 -12.86
C TYR A 281 12.41 6.10 -11.88
N LEU A 282 12.06 6.26 -10.61
CA LEU A 282 12.52 5.38 -9.53
C LEU A 282 11.35 4.79 -8.76
N ALA A 283 11.51 3.55 -8.31
CA ALA A 283 10.54 2.90 -7.42
C ALA A 283 11.19 2.70 -6.05
N ALA A 284 10.38 2.72 -4.99
CA ALA A 284 10.91 2.53 -3.62
C ALA A 284 9.97 1.77 -2.69
N ALA A 285 10.52 0.78 -1.99
CA ALA A 285 9.78 -0.04 -1.01
C ALA A 285 10.25 0.26 0.41
N PHE A 286 9.40 0.93 1.19
CA PHE A 286 9.66 1.18 2.60
C PHE A 286 8.56 0.57 3.46
N PRO A 287 8.93 0.06 4.65
CA PRO A 287 7.90 -0.37 5.59
C PRO A 287 7.13 0.84 6.16
N SER A 288 6.19 0.56 7.05
CA SER A 288 5.34 1.57 7.67
C SER A 288 6.14 2.63 8.42
N ALA A 289 5.67 3.87 8.33
CA ALA A 289 6.24 5.02 9.06
C ALA A 289 7.68 5.40 8.67
N CYS A 290 8.04 5.21 7.40
CA CYS A 290 9.41 5.49 6.94
C CYS A 290 9.50 6.58 5.87
N GLY A 291 8.46 7.42 5.78
CA GLY A 291 8.45 8.56 4.87
C GLY A 291 8.25 8.21 3.41
N LYS A 292 7.43 7.21 3.15
CA LYS A 292 7.14 6.75 1.80
C LYS A 292 6.41 7.84 0.99
N THR A 293 5.23 8.25 1.46
CA THR A 293 4.46 9.35 0.86
C THR A 293 5.28 10.65 0.79
N ASN A 294 6.09 10.87 1.82
CA ASN A 294 6.99 12.01 1.87
C ASN A 294 7.99 12.05 0.71
N LEU A 295 8.56 10.89 0.38
CA LEU A 295 9.52 10.78 -0.72
C LEU A 295 8.85 10.91 -2.09
N ALA A 296 7.68 10.28 -2.22
CA ALA A 296 6.93 10.28 -3.48
C ALA A 296 6.47 11.69 -3.86
N MET A 297 6.18 12.52 -2.86
CA MET A 297 5.69 13.87 -3.10
C MET A 297 6.68 14.94 -2.68
N MET A 298 7.95 14.55 -2.56
CA MET A 298 9.01 15.43 -2.11
C MET A 298 9.08 16.74 -2.88
N ASN A 299 9.30 17.82 -2.13
CA ASN A 299 9.68 19.10 -2.70
C ASN A 299 11.21 19.20 -2.56
N PRO A 300 11.95 18.98 -3.67
CA PRO A 300 13.42 18.95 -3.58
C PRO A 300 14.03 20.32 -3.29
N THR A 301 15.08 20.32 -2.46
CA THR A 301 15.74 21.57 -2.06
C THR A 301 16.80 22.00 -3.06
N LEU A 302 17.34 21.05 -3.81
CA LEU A 302 18.42 21.35 -4.77
C LEU A 302 17.88 22.11 -5.97
N PRO A 303 18.48 23.28 -6.27
CA PRO A 303 18.04 24.11 -7.39
C PRO A 303 18.09 23.36 -8.71
N GLY A 304 17.06 23.52 -9.53
CA GLY A 304 17.03 22.95 -10.87
C GLY A 304 16.52 21.53 -10.92
N TRP A 305 16.33 20.91 -9.76
CA TRP A 305 15.78 19.55 -9.69
C TRP A 305 14.28 19.54 -9.52
N LYS A 306 13.65 18.52 -10.09
CA LYS A 306 12.20 18.37 -10.05
CA LYS A 306 12.20 18.37 -10.04
C LYS A 306 11.84 16.94 -9.65
N VAL A 307 10.83 16.81 -8.79
CA VAL A 307 10.28 15.51 -8.41
C VAL A 307 8.78 15.52 -8.68
N GLU A 308 8.31 14.46 -9.33
CA GLU A 308 6.91 14.31 -9.69
C GLU A 308 6.40 12.91 -9.31
N CYS A 309 5.17 12.85 -8.81
CA CYS A 309 4.61 11.63 -8.25
C CYS A 309 3.83 10.83 -9.29
N VAL A 310 4.15 9.55 -9.41
CA VAL A 310 3.36 8.62 -10.23
C VAL A 310 2.40 7.88 -9.31
N GLY A 311 2.93 7.37 -8.20
CA GLY A 311 2.15 6.75 -7.13
C GLY A 311 2.92 6.74 -5.81
N ASP A 312 2.22 6.55 -4.70
CA ASP A 312 2.85 6.58 -3.37
C ASP A 312 2.75 5.26 -2.58
N ASP A 313 2.25 4.20 -3.22
CA ASP A 313 2.03 2.94 -2.47
C ASP A 313 2.29 1.64 -3.25
N ILE A 314 1.71 1.51 -4.44
CA ILE A 314 1.78 0.24 -5.21
C ILE A 314 2.35 0.46 -6.60
N ALA A 315 3.19 -0.47 -7.03
CA ALA A 315 3.76 -0.46 -8.39
C ALA A 315 3.55 -1.81 -9.06
N TRP A 316 3.01 -1.79 -10.28
CA TRP A 316 2.93 -3.00 -11.09
C TRP A 316 3.92 -2.84 -12.23
N MET A 317 4.86 -3.77 -12.32
CA MET A 317 6.03 -3.61 -13.17
C MET A 317 6.27 -4.84 -14.03
N LYS A 318 6.56 -4.60 -15.30
CA LYS A 318 6.83 -5.67 -16.25
C LYS A 318 7.85 -5.21 -17.30
N PHE A 319 8.86 -6.04 -17.56
CA PHE A 319 9.81 -5.77 -18.63
C PHE A 319 9.11 -5.83 -20.00
N ASP A 320 9.35 -4.84 -20.84
CA ASP A 320 8.81 -4.82 -22.21
C ASP A 320 9.74 -5.55 -23.19
N ALA A 321 9.35 -5.55 -24.46
CA ALA A 321 10.13 -6.24 -25.52
C ALA A 321 11.54 -5.67 -25.70
N GLN A 322 11.72 -4.40 -25.33
CA GLN A 322 13.02 -3.74 -25.43
C GLN A 322 13.86 -3.92 -24.15
N GLY A 323 13.28 -4.57 -23.15
CA GLY A 323 13.97 -4.85 -21.89
C GLY A 323 13.84 -3.78 -20.82
N ASN A 324 12.99 -2.79 -21.06
CA ASN A 324 12.73 -1.74 -20.08
C ASN A 324 11.74 -2.24 -19.03
N LEU A 325 11.98 -1.89 -17.78
CA LEU A 325 11.06 -2.27 -16.71
C LEU A 325 9.96 -1.22 -16.58
N ARG A 326 8.80 -1.52 -17.16
CA ARG A 326 7.71 -0.54 -17.24
C ARG A 326 6.83 -0.65 -16.02
N ALA A 327 6.54 0.48 -15.39
CA ALA A 327 5.72 0.52 -14.17
C ALA A 327 4.50 1.41 -14.29
N ILE A 328 3.37 0.91 -13.79
CA ILE A 328 2.18 1.74 -13.55
C ILE A 328 1.82 1.75 -12.07
N ASN A 329 1.20 2.84 -11.64
CA ASN A 329 0.46 2.91 -10.38
C ASN A 329 -0.95 2.39 -10.66
N PRO A 330 -1.32 1.25 -10.05
CA PRO A 330 -2.65 0.67 -10.28
C PRO A 330 -3.78 1.41 -9.55
N GLU A 331 -3.42 2.39 -8.72
CA GLU A 331 -4.39 3.13 -7.95
C GLU A 331 -4.78 4.44 -8.61
N ASN A 332 -5.85 5.07 -8.11
CA ASN A 332 -6.42 6.30 -8.65
C ASN A 332 -6.41 7.40 -7.60
N GLY A 333 -5.95 7.07 -6.40
CA GLY A 333 -5.90 8.04 -5.31
C GLY A 333 -4.90 7.64 -4.24
N PHE A 334 -4.83 8.47 -3.20
CA PHE A 334 -3.92 8.25 -2.09
C PHE A 334 -4.72 7.99 -0.83
N PHE A 335 -4.37 6.92 -0.13
CA PHE A 335 -5.00 6.54 1.14
C PHE A 335 -3.93 6.64 2.22
N GLY A 336 -3.64 7.86 2.66
CA GLY A 336 -2.48 8.12 3.51
C GLY A 336 -2.80 8.25 4.98
N VAL A 337 -1.82 7.89 5.82
CA VAL A 337 -1.92 8.07 7.26
C VAL A 337 -1.92 9.57 7.52
N ALA A 338 -2.95 10.06 8.20
CA ALA A 338 -3.12 11.50 8.43
C ALA A 338 -2.14 12.10 9.45
N PRO A 339 -2.08 11.55 10.69
CA PRO A 339 -1.22 12.17 11.70
C PRO A 339 0.24 12.20 11.27
N GLY A 340 0.88 13.35 11.48
CA GLY A 340 2.26 13.57 11.06
C GLY A 340 2.38 14.25 9.71
N THR A 341 1.25 14.44 9.04
CA THR A 341 1.20 15.17 7.77
C THR A 341 1.13 16.66 8.07
N SER A 342 2.22 17.37 7.78
CA SER A 342 2.32 18.81 8.04
C SER A 342 2.89 19.56 6.83
N VAL A 343 2.97 20.89 6.94
CA VAL A 343 3.59 21.71 5.89
C VAL A 343 5.08 21.41 5.73
N LYS A 344 5.74 21.10 6.85
CA LYS A 344 7.17 20.74 6.86
C LYS A 344 7.41 19.33 6.32
N THR A 345 6.54 18.39 6.65
CA THR A 345 6.75 16.99 6.28
C THR A 345 6.25 16.63 4.89
N ASN A 346 5.12 17.22 4.49
CA ASN A 346 4.52 16.91 3.20
C ASN A 346 3.61 18.03 2.68
N PRO A 347 4.21 19.14 2.19
CA PRO A 347 3.44 20.29 1.70
C PRO A 347 2.55 19.95 0.49
N ASN A 348 3.00 19.02 -0.35
CA ASN A 348 2.23 18.62 -1.52
C ASN A 348 0.98 17.80 -1.17
N ALA A 349 1.06 17.03 -0.08
CA ALA A 349 -0.11 16.32 0.46
C ALA A 349 -1.14 17.31 1.01
N ILE A 350 -0.65 18.35 1.68
CA ILE A 350 -1.52 19.41 2.20
C ILE A 350 -2.37 20.01 1.08
N LYS A 351 -1.71 20.37 -0.03
CA LYS A 351 -2.41 20.91 -1.22
C LYS A 351 -3.43 19.94 -1.84
N THR A 352 -3.13 18.64 -1.79
CA THR A 352 -3.99 17.63 -2.40
C THR A 352 -5.31 17.43 -1.67
N ILE A 353 -5.26 17.40 -0.33
CA ILE A 353 -6.40 16.97 0.50
C ILE A 353 -7.39 18.10 0.87
N GLN A 354 -7.17 19.27 0.26
CA GLN A 354 -7.99 20.47 0.49
C GLN A 354 -9.38 20.38 -0.13
N LYS A 355 -9.54 19.40 -1.01
CA LYS A 355 -10.64 19.35 -1.95
C LYS A 355 -11.01 17.89 -2.18
N ASN A 356 -12.30 17.62 -2.29
CA ASN A 356 -12.83 16.30 -2.68
C ASN A 356 -12.23 15.12 -1.90
N THR A 357 -12.04 15.29 -0.60
CA THR A 357 -11.32 14.32 0.21
C THR A 357 -12.18 13.76 1.34
N ILE A 358 -12.10 12.45 1.52
CA ILE A 358 -12.74 11.80 2.65
C ILE A 358 -11.69 11.52 3.72
N PHE A 359 -11.96 12.03 4.92
CA PHE A 359 -11.10 11.83 6.08
C PHE A 359 -11.76 10.81 7.00
N THR A 360 -10.95 9.94 7.60
CA THR A 360 -11.46 8.94 8.53
C THR A 360 -10.70 8.98 9.85
N ASN A 361 -11.45 9.14 10.93
CA ASN A 361 -10.92 9.13 12.31
C ASN A 361 -9.92 10.23 12.68
N VAL A 362 -10.04 11.40 12.05
CA VAL A 362 -9.27 12.57 12.46
C VAL A 362 -10.14 13.48 13.34
N ALA A 363 -9.48 14.45 13.99
CA ALA A 363 -10.19 15.44 14.78
C ALA A 363 -10.81 16.50 13.87
N GLU A 364 -11.90 17.11 14.35
CA GLU A 364 -12.57 18.19 13.64
C GLU A 364 -12.51 19.49 14.45
N THR A 365 -12.09 20.58 13.80
CA THR A 365 -12.08 21.88 14.44
C THR A 365 -13.45 22.55 14.33
N SER A 366 -13.72 23.48 15.23
CA SER A 366 -15.03 24.12 15.36
C SER A 366 -15.45 24.93 14.13
N ASP A 367 -14.49 25.26 13.26
CA ASP A 367 -14.80 25.95 12.01
C ASP A 367 -14.92 24.98 10.82
N GLY A 368 -14.98 23.68 11.12
CA GLY A 368 -15.18 22.64 10.11
C GLY A 368 -13.94 22.18 9.38
N GLY A 369 -12.78 22.28 10.04
CA GLY A 369 -11.51 21.81 9.48
C GLY A 369 -11.05 20.50 10.09
N VAL A 370 -9.89 20.02 9.63
CA VAL A 370 -9.32 18.77 10.16
C VAL A 370 -8.09 19.01 11.05
N TYR A 371 -7.89 18.12 12.01
CA TYR A 371 -6.75 18.21 12.92
C TYR A 371 -6.24 16.83 13.30
N TRP A 372 -4.93 16.76 13.56
CA TRP A 372 -4.27 15.53 13.99
C TRP A 372 -2.93 15.82 14.66
N GLU A 373 -2.46 14.89 15.48
CA GLU A 373 -1.11 14.93 16.04
C GLU A 373 -0.08 15.13 14.95
N GLY A 374 0.76 16.15 15.10
CA GLY A 374 1.85 16.41 14.16
C GLY A 374 1.48 17.24 12.94
N ILE A 375 0.31 17.86 12.97
CA ILE A 375 -0.15 18.76 11.90
C ILE A 375 0.67 20.06 11.82
N ASP A 376 1.32 20.41 12.94
CA ASP A 376 2.31 21.49 13.00
C ASP A 376 1.85 22.86 12.51
N GLU A 377 0.56 23.16 12.70
CA GLU A 377 0.06 24.52 12.52
C GLU A 377 -1.01 24.91 13.55
N PRO A 378 -0.78 26.04 14.24
CA PRO A 378 -1.65 26.51 15.31
C PRO A 378 -3.06 26.89 14.87
N LEU A 379 -3.97 26.91 15.84
CA LEU A 379 -5.33 27.34 15.60
C LEU A 379 -5.54 28.73 16.18
N ALA A 380 -6.32 29.55 15.48
CA ALA A 380 -6.68 30.88 15.97
C ALA A 380 -7.37 30.75 17.32
N PRO A 381 -7.08 31.68 18.26
CA PRO A 381 -7.71 31.61 19.57
C PRO A 381 -9.23 31.59 19.43
N GLY A 382 -9.87 30.61 20.06
CA GLY A 382 -11.31 30.42 19.92
C GLY A 382 -11.65 29.10 19.24
N VAL A 383 -10.81 28.68 18.29
CA VAL A 383 -11.05 27.43 17.56
C VAL A 383 -10.80 26.24 18.49
N THR A 384 -11.86 25.46 18.72
CA THR A 384 -11.80 24.29 19.57
C THR A 384 -11.75 23.02 18.73
N ILE A 385 -11.45 21.89 19.37
CA ILE A 385 -11.30 20.62 18.68
C ILE A 385 -12.29 19.58 19.19
N THR A 386 -12.87 18.83 18.26
CA THR A 386 -13.60 17.61 18.57
C THR A 386 -12.75 16.45 18.09
N SER A 387 -12.43 15.53 19.02
CA SER A 387 -11.59 14.38 18.69
C SER A 387 -12.32 13.38 17.79
N TRP A 388 -11.60 12.34 17.38
CA TRP A 388 -12.15 11.28 16.52
C TRP A 388 -13.17 10.43 17.28
N LYS A 389 -13.24 10.61 18.60
CA LYS A 389 -14.16 9.87 19.46
C LYS A 389 -15.42 10.68 19.77
N ASN A 390 -15.59 11.79 19.06
CA ASN A 390 -16.71 12.73 19.22
C ASN A 390 -16.83 13.32 20.64
N LYS A 391 -15.69 13.74 21.19
CA LYS A 391 -15.63 14.39 22.49
C LYS A 391 -14.73 15.62 22.40
N GLU A 392 -15.00 16.61 23.24
CA GLU A 392 -14.19 17.83 23.33
CA GLU A 392 -14.18 17.81 23.27
C GLU A 392 -12.73 17.47 23.60
N TRP A 393 -11.81 18.10 22.88
CA TRP A 393 -10.39 17.77 23.04
C TRP A 393 -9.53 18.98 23.35
N ARG A 394 -8.46 18.73 24.10
CA ARG A 394 -7.55 19.75 24.59
C ARG A 394 -6.10 19.27 24.45
N PRO A 395 -5.21 20.13 23.92
CA PRO A 395 -3.78 19.82 23.75
C PRO A 395 -3.11 19.22 24.99
N GLN A 396 -3.70 19.48 26.16
CA GLN A 396 -3.21 18.96 27.44
C GLN A 396 -3.66 17.54 27.72
N ASP A 397 -4.62 17.05 26.94
CA ASP A 397 -5.24 15.74 27.12
C ASP A 397 -4.24 14.60 26.88
N GLU A 398 -4.48 13.47 27.53
CA GLU A 398 -3.59 12.30 27.48
C GLU A 398 -3.79 11.46 26.22
N GLU A 399 -5.00 11.51 25.67
CA GLU A 399 -5.34 10.75 24.46
C GLU A 399 -5.19 11.59 23.20
N PRO A 400 -4.76 10.95 22.08
CA PRO A 400 -4.63 11.66 20.81
C PRO A 400 -6.00 12.14 20.30
N CYS A 401 -6.01 13.25 19.56
CA CYS A 401 -7.25 13.79 18.99
C CYS A 401 -7.65 13.06 17.70
N ALA A 402 -6.67 12.46 17.04
CA ALA A 402 -6.90 11.62 15.89
C ALA A 402 -6.36 10.24 16.19
N HIS A 403 -7.00 9.21 15.64
CA HIS A 403 -6.48 7.85 15.76
C HIS A 403 -5.15 7.77 15.02
N PRO A 404 -4.16 7.08 15.61
CA PRO A 404 -2.83 6.97 14.98
C PRO A 404 -2.88 6.38 13.56
N ASN A 405 -3.89 5.57 13.28
CA ASN A 405 -4.09 5.03 11.94
C ASN A 405 -5.15 5.76 11.11
N SER A 406 -5.54 6.95 11.55
CA SER A 406 -6.51 7.78 10.82
C SER A 406 -6.02 8.15 9.42
N ARG A 407 -6.96 8.46 8.53
CA ARG A 407 -6.67 8.47 7.10
C ARG A 407 -7.23 9.67 6.34
N PHE A 408 -6.55 10.03 5.25
CA PHE A 408 -7.17 10.83 4.22
C PHE A 408 -7.28 9.97 2.97
N CYS A 409 -8.34 10.18 2.21
CA CYS A 409 -8.58 9.45 0.97
C CYS A 409 -8.85 10.49 -0.09
N THR A 410 -7.89 10.67 -1.00
CA THR A 410 -7.86 11.83 -1.88
C THR A 410 -7.51 11.43 -3.32
N PRO A 411 -8.13 12.09 -4.32
CA PRO A 411 -7.81 11.87 -5.74
C PRO A 411 -6.36 12.20 -6.11
N ALA A 412 -5.71 11.25 -6.79
CA ALA A 412 -4.32 11.42 -7.24
C ALA A 412 -4.15 12.60 -8.19
N SER A 413 -5.13 12.82 -9.06
CA SER A 413 -5.11 13.92 -10.03
C SER A 413 -5.00 15.31 -9.38
N GLN A 414 -5.31 15.40 -8.09
CA GLN A 414 -5.26 16.65 -7.34
C GLN A 414 -3.88 16.99 -6.80
N CYS A 415 -2.95 16.04 -6.87
CA CYS A 415 -1.58 16.28 -6.44
C CYS A 415 -0.92 17.30 -7.37
N PRO A 416 -0.45 18.44 -6.80
CA PRO A 416 0.08 19.52 -7.64
C PRO A 416 1.35 19.11 -8.39
N ILE A 417 2.01 18.05 -7.93
CA ILE A 417 3.19 17.53 -8.62
C ILE A 417 2.98 16.13 -9.19
N ILE A 418 1.72 15.75 -9.43
CA ILE A 418 1.45 14.49 -10.09
C ILE A 418 2.13 14.44 -11.46
N ASP A 419 2.75 13.29 -11.76
CA ASP A 419 3.59 13.13 -12.94
C ASP A 419 2.74 13.18 -14.20
N PRO A 420 3.22 13.87 -15.27
CA PRO A 420 2.43 13.92 -16.50
C PRO A 420 2.17 12.55 -17.13
N ALA A 421 3.00 11.56 -16.82
CA ALA A 421 2.84 10.20 -17.35
C ALA A 421 2.16 9.25 -16.34
N TRP A 422 1.60 9.80 -15.27
CA TRP A 422 1.05 8.96 -14.18
C TRP A 422 -0.07 8.00 -14.61
N GLU A 423 -0.78 8.33 -15.70
CA GLU A 423 -1.74 7.38 -16.26
C GLU A 423 -1.50 6.97 -17.72
N SER A 424 -0.27 7.15 -18.21
CA SER A 424 0.14 6.63 -19.52
C SER A 424 -0.03 5.12 -19.56
N PRO A 425 -0.79 4.60 -20.55
CA PRO A 425 -1.08 3.16 -20.61
C PRO A 425 0.18 2.27 -20.65
N GLU A 426 1.26 2.77 -21.25
CA GLU A 426 2.51 2.00 -21.41
C GLU A 426 3.32 1.89 -20.11
N GLY A 427 3.03 2.77 -19.15
CA GLY A 427 3.82 2.84 -17.93
C GLY A 427 5.09 3.62 -18.12
N VAL A 428 5.85 3.78 -17.03
CA VAL A 428 7.08 4.55 -17.03
C VAL A 428 8.30 3.62 -16.82
N PRO A 429 9.43 3.93 -17.50
CA PRO A 429 10.65 3.09 -17.39
C PRO A 429 11.44 3.27 -16.08
N ILE A 430 11.45 2.23 -15.24
CA ILE A 430 12.14 2.27 -13.94
C ILE A 430 13.65 2.03 -14.13
N GLU A 431 14.46 2.94 -13.58
CA GLU A 431 15.93 2.84 -13.68
C GLU A 431 16.62 2.57 -12.35
N GLY A 432 15.87 2.69 -11.25
CA GLY A 432 16.41 2.44 -9.91
C GLY A 432 15.31 1.95 -8.98
N ILE A 433 15.68 1.01 -8.10
CA ILE A 433 14.77 0.48 -7.08
C ILE A 433 15.41 0.70 -5.70
N ILE A 434 14.66 1.32 -4.81
CA ILE A 434 15.17 1.71 -3.50
C ILE A 434 14.48 0.92 -2.40
N PHE A 435 15.28 0.29 -1.54
CA PHE A 435 14.79 -0.33 -0.31
C PHE A 435 15.22 0.55 0.85
N GLY A 436 14.54 0.44 1.97
CA GLY A 436 14.93 1.23 3.15
C GLY A 436 14.11 0.90 4.38
N GLY A 437 14.57 1.36 5.53
CA GLY A 437 13.84 1.17 6.78
C GLY A 437 14.33 2.11 7.87
N ARG A 438 13.70 2.03 9.04
CA ARG A 438 14.10 2.84 10.18
CA ARG A 438 14.08 2.84 10.18
C ARG A 438 15.12 2.09 11.03
N ARG A 439 16.38 2.54 10.94
CA ARG A 439 17.48 1.93 11.70
C ARG A 439 18.26 3.01 12.45
N PRO A 440 18.06 3.11 13.78
CA PRO A 440 18.75 4.15 14.54
C PRO A 440 20.28 3.97 14.59
N ALA A 441 20.74 2.74 14.37
CA ALA A 441 22.17 2.44 14.44
C ALA A 441 22.66 1.60 13.27
N GLY A 442 23.93 1.81 12.92
CA GLY A 442 24.68 0.87 12.08
C GLY A 442 24.56 0.95 10.57
N VAL A 443 23.40 1.38 10.09
CA VAL A 443 23.10 1.35 8.66
C VAL A 443 23.29 2.75 8.03
N PRO A 444 24.28 2.89 7.14
CA PRO A 444 24.59 4.15 6.45
C PRO A 444 23.38 4.79 5.76
N LEU A 445 23.49 6.09 5.50
CA LEU A 445 22.45 6.86 4.85
C LEU A 445 21.98 6.24 3.53
N VAL A 446 22.93 5.79 2.70
CA VAL A 446 22.63 5.20 1.40
C VAL A 446 23.75 4.27 0.96
N TYR A 447 23.39 3.09 0.48
CA TYR A 447 24.33 2.23 -0.23
C TYR A 447 23.70 1.60 -1.46
N GLU A 448 24.56 1.16 -2.38
CA GLU A 448 24.14 0.57 -3.65
C GLU A 448 24.56 -0.90 -3.69
N ALA A 449 23.62 -1.76 -4.06
CA ALA A 449 23.88 -3.18 -4.17
C ALA A 449 24.94 -3.49 -5.23
N LEU A 450 25.71 -4.54 -4.98
CA LEU A 450 26.85 -4.91 -5.83
C LEU A 450 26.45 -5.57 -7.13
N SER A 451 25.21 -6.07 -7.19
CA SER A 451 24.68 -6.81 -8.34
C SER A 451 23.18 -6.99 -8.16
N TRP A 452 22.52 -7.54 -9.17
CA TRP A 452 21.11 -7.83 -9.07
C TRP A 452 20.84 -8.79 -7.92
N GLN A 453 21.63 -9.85 -7.82
CA GLN A 453 21.45 -10.87 -6.78
C GLN A 453 21.69 -10.34 -5.36
N HIS A 454 22.74 -9.53 -5.20
CA HIS A 454 22.98 -8.82 -3.94
C HIS A 454 21.82 -7.89 -3.63
N GLY A 455 21.32 -7.22 -4.67
CA GLY A 455 20.16 -6.34 -4.54
C GLY A 455 18.89 -7.04 -4.06
N VAL A 456 18.63 -8.24 -4.58
CA VAL A 456 17.49 -9.05 -4.11
C VAL A 456 17.68 -9.43 -2.63
N PHE A 457 18.90 -9.83 -2.29
CA PHE A 457 19.25 -10.10 -0.90
C PHE A 457 19.01 -8.90 0.04
N VAL A 458 19.41 -7.70 -0.40
CA VAL A 458 19.20 -6.47 0.36
C VAL A 458 17.71 -6.28 0.67
N GLY A 459 16.87 -6.45 -0.33
CA GLY A 459 15.42 -6.44 -0.14
C GLY A 459 14.97 -7.49 0.84
N ALA A 460 15.50 -8.71 0.70
CA ALA A 460 15.17 -9.84 1.59
C ALA A 460 15.57 -9.59 3.04
N ALA A 461 16.61 -8.77 3.23
CA ALA A 461 17.22 -8.55 4.53
C ALA A 461 16.63 -7.37 5.32
N MET A 462 15.66 -6.68 4.72
CA MET A 462 15.11 -5.44 5.28
C MET A 462 14.59 -5.60 6.70
N ARG A 463 15.02 -4.69 7.57
CA ARG A 463 14.55 -4.61 8.94
C ARG A 463 14.29 -3.15 9.29
N SER A 464 13.37 -2.93 10.22
CA SER A 464 12.92 -1.58 10.55
C SER A 464 12.39 -1.53 11.97
N GLU A 465 12.71 -0.46 12.68
CA GLU A 465 12.21 -0.20 14.02
C GLU A 465 10.70 0.03 13.96
N ALA A 466 9.95 -0.76 14.73
CA ALA A 466 8.48 -0.70 14.70
C ALA A 466 7.95 0.46 15.54
N GLY A 474 11.18 -0.05 25.67
CA GLY A 474 12.04 -0.73 24.70
C GLY A 474 11.36 -0.92 23.36
N LYS A 475 12.05 -0.53 22.30
CA LYS A 475 11.54 -0.70 20.94
C LYS A 475 11.97 -2.03 20.34
N VAL A 476 11.43 -2.34 19.16
CA VAL A 476 11.64 -3.61 18.50
C VAL A 476 12.01 -3.37 17.04
N ILE A 477 13.08 -4.01 16.58
CA ILE A 477 13.44 -4.02 15.16
C ILE A 477 12.93 -5.35 14.60
N MET A 478 12.09 -5.28 13.57
CA MET A 478 11.51 -6.45 12.92
CA MET A 478 11.61 -6.50 12.94
C MET A 478 11.86 -6.55 11.44
N HIS A 479 11.79 -7.75 10.88
CA HIS A 479 12.00 -7.95 9.47
C HIS A 479 10.76 -7.57 8.68
N ASP A 480 10.98 -6.90 7.56
CA ASP A 480 9.92 -6.66 6.60
C ASP A 480 10.52 -6.73 5.20
N PRO A 481 10.77 -7.97 4.69
CA PRO A 481 11.46 -8.11 3.40
C PRO A 481 10.65 -7.47 2.27
N PHE A 482 11.30 -6.60 1.50
CA PHE A 482 10.67 -5.89 0.38
C PHE A 482 9.50 -4.99 0.78
N ALA A 483 9.36 -4.70 2.07
CA ALA A 483 8.17 -4.05 2.64
C ALA A 483 6.88 -4.86 2.34
N MET A 484 7.03 -6.15 2.12
CA MET A 484 5.91 -6.98 1.68
C MET A 484 5.43 -8.01 2.70
N ARG A 485 5.96 -7.93 3.92
CA ARG A 485 5.65 -8.94 4.93
C ARG A 485 4.14 -9.24 5.14
N PRO A 486 3.29 -8.19 5.27
CA PRO A 486 1.88 -8.49 5.43
C PRO A 486 1.16 -8.75 4.09
N PHE A 487 1.90 -8.73 2.98
CA PHE A 487 1.28 -8.69 1.65
C PHE A 487 1.63 -9.78 0.62
N PHE A 488 2.53 -10.70 0.96
CA PHE A 488 2.89 -11.76 0.00
C PHE A 488 1.68 -12.58 -0.42
N GLY A 489 1.48 -12.72 -1.73
CA GLY A 489 0.35 -13.49 -2.24
C GLY A 489 0.65 -14.98 -2.25
N TYR A 490 1.91 -15.32 -2.01
CA TYR A 490 2.39 -16.69 -2.13
C TYR A 490 3.74 -16.83 -1.41
N ASN A 491 4.26 -18.05 -1.42
CA ASN A 491 5.54 -18.40 -0.81
C ASN A 491 6.68 -17.40 -1.06
N PHE A 492 7.17 -16.78 0.02
CA PHE A 492 8.22 -15.75 -0.08
C PHE A 492 9.52 -16.26 -0.70
N GLY A 493 9.87 -17.51 -0.47
CA GLY A 493 11.04 -18.12 -1.12
C GLY A 493 10.90 -18.14 -2.63
N LYS A 494 9.71 -18.54 -3.09
CA LYS A 494 9.35 -18.53 -4.50
C LYS A 494 9.30 -17.11 -5.07
N TYR A 495 8.86 -16.17 -4.25
CA TYR A 495 8.92 -14.73 -4.57
C TYR A 495 10.36 -14.26 -4.79
N LEU A 496 11.27 -14.63 -3.88
CA LEU A 496 12.71 -14.41 -4.06
C LEU A 496 13.24 -15.03 -5.38
N ALA A 497 12.90 -16.31 -5.61
CA ALA A 497 13.28 -16.98 -6.85
C ALA A 497 12.73 -16.23 -8.07
N HIS A 498 11.54 -15.65 -7.93
CA HIS A 498 10.88 -14.93 -9.03
C HIS A 498 11.67 -13.66 -9.39
N TRP A 499 12.07 -12.91 -8.37
CA TRP A 499 12.94 -11.74 -8.52
C TRP A 499 14.27 -12.08 -9.17
N LEU A 500 14.93 -13.13 -8.66
CA LEU A 500 16.23 -13.58 -9.18
C LEU A 500 16.17 -14.00 -10.66
N SER A 501 15.07 -14.64 -11.05
CA SER A 501 14.86 -15.07 -12.45
C SER A 501 14.88 -13.92 -13.46
N MET A 502 14.63 -12.70 -13.00
CA MET A 502 14.62 -11.53 -13.89
C MET A 502 15.98 -11.31 -14.57
N ALA A 503 17.06 -11.70 -13.89
CA ALA A 503 18.43 -11.62 -14.44
C ALA A 503 18.67 -12.55 -15.63
N HIS A 504 17.82 -13.54 -15.81
CA HIS A 504 18.00 -14.53 -16.86
C HIS A 504 17.05 -14.31 -18.04
N ARG A 505 16.31 -13.22 -17.96
CA ARG A 505 15.51 -12.73 -19.09
C ARG A 505 16.47 -12.02 -20.05
N PRO A 506 16.65 -12.57 -21.27
CA PRO A 506 17.52 -11.88 -22.23
C PRO A 506 16.97 -10.49 -22.58
N ALA A 507 17.88 -9.51 -22.65
CA ALA A 507 17.57 -8.10 -22.95
C ALA A 507 17.10 -7.24 -21.77
N ALA A 508 16.75 -7.89 -20.65
CA ALA A 508 16.29 -7.17 -19.45
C ALA A 508 17.31 -6.14 -19.01
N LYS A 509 16.86 -4.90 -18.82
CA LYS A 509 17.72 -3.84 -18.28
C LYS A 509 17.43 -3.76 -16.80
N LEU A 510 18.25 -4.47 -16.02
CA LEU A 510 18.01 -4.55 -14.59
C LEU A 510 18.31 -3.21 -13.94
N PRO A 511 17.35 -2.68 -13.17
CA PRO A 511 17.57 -1.42 -12.44
C PRO A 511 18.63 -1.56 -11.37
N LYS A 512 19.33 -0.46 -11.10
CA LYS A 512 20.24 -0.36 -9.98
C LYS A 512 19.42 -0.42 -8.69
N ILE A 513 19.92 -1.16 -7.72
CA ILE A 513 19.27 -1.30 -6.42
C ILE A 513 20.06 -0.57 -5.33
N PHE A 514 19.36 0.28 -4.61
CA PHE A 514 19.92 1.07 -3.51
C PHE A 514 19.20 0.71 -2.21
N HIS A 515 19.83 1.05 -1.10
CA HIS A 515 19.19 0.95 0.21
C HIS A 515 19.44 2.25 0.98
N VAL A 516 18.38 2.82 1.56
CA VAL A 516 18.49 4.09 2.28
C VAL A 516 18.11 3.95 3.74
N ASN A 517 18.68 4.83 4.57
CA ASN A 517 18.32 4.98 5.97
C ASN A 517 18.30 6.48 6.29
N TRP A 518 17.10 7.06 6.37
CA TRP A 518 16.96 8.46 6.75
C TRP A 518 17.05 8.62 8.28
N PHE A 519 17.07 7.50 9.00
CA PHE A 519 16.74 7.52 10.43
C PHE A 519 17.88 7.20 11.41
N ARG A 520 19.12 7.17 10.92
CA ARG A 520 20.27 6.93 11.78
C ARG A 520 20.45 8.06 12.80
N LYS A 521 20.66 7.67 14.06
CA LYS A 521 20.80 8.61 15.17
C LYS A 521 22.22 8.56 15.73
N ASP A 522 22.68 9.68 16.28
CA ASP A 522 23.95 9.71 17.00
C ASP A 522 23.85 8.99 18.35
N LYS A 523 24.81 9.27 19.23
CA LYS A 523 24.85 8.70 20.58
C LYS A 523 23.74 9.24 21.50
N ASN A 524 23.22 10.42 21.17
CA ASN A 524 22.23 11.10 22.03
C ASN A 524 20.77 10.83 21.66
N GLY A 525 20.55 10.25 20.49
CA GLY A 525 19.21 9.96 20.00
C GLY A 525 18.74 10.91 18.92
N LYS A 526 19.66 11.75 18.44
CA LYS A 526 19.33 12.77 17.44
C LYS A 526 19.62 12.32 16.01
N PHE A 527 18.63 12.48 15.13
CA PHE A 527 18.80 12.18 13.70
C PHE A 527 20.03 12.87 13.10
N LEU A 528 20.84 12.09 12.39
CA LEU A 528 22.06 12.58 11.76
C LEU A 528 21.80 13.19 10.39
N TRP A 529 20.63 12.89 9.82
CA TRP A 529 20.26 13.41 8.51
C TRP A 529 18.99 14.26 8.63
N PRO A 530 19.02 15.50 8.13
CA PRO A 530 17.84 16.39 8.18
C PRO A 530 16.62 15.82 7.44
N GLY A 531 16.85 15.19 6.30
CA GLY A 531 15.77 14.52 5.55
C GLY A 531 14.85 15.46 4.81
N PHE A 532 13.62 14.99 4.59
CA PHE A 532 12.59 15.71 3.84
C PHE A 532 13.11 16.07 2.46
N GLY A 533 13.03 17.35 2.11
CA GLY A 533 13.46 17.82 0.80
C GLY A 533 14.94 17.63 0.55
N GLU A 534 15.72 17.53 1.63
CA GLU A 534 17.15 17.27 1.54
C GLU A 534 17.47 15.87 1.02
N ASN A 535 16.49 14.97 1.03
CA ASN A 535 16.68 13.63 0.51
C ASN A 535 16.95 13.63 -1.00
N SER A 536 16.64 14.75 -1.66
CA SER A 536 16.93 14.95 -3.08
C SER A 536 18.44 14.89 -3.39
N ARG A 537 19.25 15.15 -2.36
CA ARG A 537 20.71 15.05 -2.45
C ARG A 537 21.14 13.60 -2.57
N VAL A 538 20.42 12.71 -1.89
CA VAL A 538 20.66 11.27 -2.00
C VAL A 538 20.17 10.79 -3.37
N LEU A 539 18.99 11.27 -3.77
CA LEU A 539 18.43 10.97 -5.10
C LEU A 539 19.35 11.41 -6.25
N GLU A 540 19.97 12.59 -6.11
CA GLU A 540 20.98 13.07 -7.07
C GLU A 540 22.14 12.08 -7.23
N TRP A 541 22.67 11.58 -6.11
CA TRP A 541 23.74 10.60 -6.14
C TRP A 541 23.32 9.32 -6.88
N MET A 542 22.11 8.84 -6.57
CA MET A 542 21.53 7.68 -7.23
C MET A 542 21.43 7.91 -8.73
N PHE A 543 20.94 9.10 -9.10
CA PHE A 543 20.78 9.52 -10.49
C PHE A 543 22.12 9.39 -11.23
N GLY A 544 23.17 9.97 -10.65
CA GLY A 544 24.51 9.92 -11.23
C GLY A 544 25.07 8.51 -11.35
N ARG A 545 24.77 7.68 -10.35
CA ARG A 545 25.20 6.29 -10.35
C ARG A 545 24.57 5.47 -11.47
N ILE A 546 23.26 5.66 -11.70
CA ILE A 546 22.58 5.09 -12.86
C ILE A 546 23.25 5.54 -14.17
N GLU A 547 23.71 6.79 -14.21
N GLU A 547 23.72 6.79 -14.17
CA GLU A 547 24.40 7.33 -15.38
CA GLU A 547 24.44 7.41 -15.29
C GLU A 547 25.86 6.87 -15.49
C GLU A 547 25.81 6.78 -15.54
N GLY A 548 26.27 5.97 -14.60
CA GLY A 548 27.62 5.39 -14.65
C GLY A 548 28.72 6.31 -14.15
N GLU A 549 28.36 7.29 -13.32
CA GLU A 549 29.32 8.23 -12.76
C GLU A 549 30.23 7.55 -11.74
N ASP A 550 31.49 8.00 -11.70
CA ASP A 550 32.51 7.45 -10.82
C ASP A 550 32.45 8.14 -9.44
N SER A 551 31.35 7.93 -8.73
CA SER A 551 31.08 8.66 -7.48
C SER A 551 30.93 7.73 -6.28
N ALA A 552 31.35 6.48 -6.45
CA ALA A 552 31.11 5.44 -5.44
C ALA A 552 32.38 4.85 -4.86
N LYS A 553 32.28 4.44 -3.59
CA LYS A 553 33.35 3.76 -2.87
C LYS A 553 32.89 2.37 -2.45
N LEU A 554 33.71 1.35 -2.73
CA LEU A 554 33.41 -0.02 -2.34
C LEU A 554 33.52 -0.22 -0.84
N THR A 555 32.49 -0.83 -0.25
CA THR A 555 32.53 -1.27 1.15
C THR A 555 32.01 -2.72 1.24
N PRO A 556 32.18 -3.38 2.40
CA PRO A 556 31.65 -4.72 2.62
C PRO A 556 30.14 -4.90 2.39
N ILE A 557 29.35 -3.82 2.46
CA ILE A 557 27.88 -3.93 2.35
C ILE A 557 27.35 -3.48 0.99
N GLY A 558 28.25 -2.94 0.17
CA GLY A 558 27.87 -2.33 -1.11
C GLY A 558 28.64 -1.05 -1.36
N TYR A 559 28.29 -0.33 -2.41
CA TYR A 559 28.92 0.96 -2.69
C TYR A 559 28.26 2.08 -1.91
N VAL A 560 29.07 2.94 -1.30
CA VAL A 560 28.60 4.19 -0.69
C VAL A 560 29.13 5.38 -1.50
N PRO A 561 28.57 6.60 -1.28
CA PRO A 561 29.18 7.79 -1.88
C PRO A 561 30.64 8.02 -1.46
N LYS A 562 31.47 8.38 -2.43
CA LYS A 562 32.83 8.89 -2.16
C LYS A 562 32.74 10.13 -1.28
N GLU A 563 33.87 10.50 -0.68
CA GLU A 563 33.92 11.78 0.00
C GLU A 563 33.80 12.92 -1.01
N ASP A 564 32.95 13.89 -0.67
CA ASP A 564 32.65 15.06 -1.50
C ASP A 564 31.66 14.77 -2.64
N ALA A 565 31.30 13.50 -2.83
CA ALA A 565 30.37 13.10 -3.90
C ALA A 565 28.94 13.60 -3.65
N LEU A 566 28.52 13.55 -2.40
CA LEU A 566 27.20 14.02 -1.98
C LEU A 566 27.18 15.54 -1.87
N ASN A 567 26.21 16.18 -2.52
CA ASN A 567 26.02 17.63 -2.42
C ASN A 567 25.48 17.98 -1.04
N LEU A 568 26.34 18.55 -0.20
CA LEU A 568 25.99 18.90 1.17
C LEU A 568 25.94 20.42 1.38
N LYS A 569 25.99 21.15 0.27
CA LYS A 569 25.97 22.62 0.30
C LYS A 569 24.59 23.14 0.73
N GLY A 570 24.58 24.10 1.64
CA GLY A 570 23.33 24.64 2.17
C GLY A 570 22.90 23.94 3.45
N LEU A 571 23.49 22.76 3.69
CA LEU A 571 23.36 22.10 4.97
C LEU A 571 24.43 22.69 5.88
N GLY A 572 24.33 22.42 7.18
CA GLY A 572 25.34 22.88 8.13
C GLY A 572 26.53 21.94 8.15
N ASP A 573 26.97 21.59 9.35
CA ASP A 573 28.05 20.63 9.52
C ASP A 573 27.43 19.26 9.78
N VAL A 574 27.06 18.59 8.69
CA VAL A 574 26.53 17.24 8.76
C VAL A 574 27.65 16.26 9.13
N ASN A 575 27.36 15.40 10.11
CA ASN A 575 28.35 14.43 10.59
C ASN A 575 28.46 13.23 9.64
N VAL A 576 29.20 13.44 8.55
CA VAL A 576 29.34 12.44 7.48
C VAL A 576 30.05 11.16 7.96
N GLU A 577 30.88 11.29 8.98
CA GLU A 577 31.63 10.16 9.53
C GLU A 577 30.73 9.15 10.23
N GLU A 578 29.83 9.64 11.08
CA GLU A 578 28.88 8.79 11.78
C GLU A 578 27.73 8.33 10.87
N LEU A 579 27.37 9.17 9.90
CA LEU A 579 26.33 8.84 8.93
C LEU A 579 26.69 7.68 8.02
N PHE A 580 27.94 7.64 7.58
CA PHE A 580 28.41 6.60 6.66
C PHE A 580 29.31 5.57 7.30
N GLY A 581 29.44 5.64 8.62
CA GLY A 581 30.28 4.71 9.35
C GLY A 581 29.72 3.30 9.29
N ILE A 582 30.59 2.33 9.02
CA ILE A 582 30.18 0.93 9.09
C ILE A 582 31.11 0.17 10.03
N SER A 583 30.50 -0.45 11.04
CA SER A 583 31.22 -1.13 12.10
C SER A 583 31.21 -2.64 11.85
N LYS A 584 32.38 -3.27 11.98
CA LYS A 584 32.50 -4.72 11.86
C LYS A 584 31.63 -5.42 12.90
N GLU A 585 31.70 -4.94 14.13
CA GLU A 585 30.93 -5.45 15.25
C GLU A 585 29.41 -5.43 14.96
N PHE A 586 28.91 -4.31 14.47
CA PHE A 586 27.50 -4.17 14.13
C PHE A 586 27.08 -5.13 13.01
N TRP A 587 27.91 -5.23 11.98
CA TRP A 587 27.56 -6.02 10.80
C TRP A 587 27.73 -7.51 10.99
N GLU A 588 28.67 -7.91 11.85
CA GLU A 588 28.76 -9.30 12.31
C GLU A 588 27.44 -9.76 12.90
N LYS A 589 26.88 -8.93 13.78
CA LYS A 589 25.60 -9.21 14.42
C LYS A 589 24.46 -9.12 13.43
N GLU A 590 24.52 -8.14 12.54
CA GLU A 590 23.48 -7.95 11.53
C GLU A 590 23.35 -9.18 10.64
N VAL A 591 24.47 -9.61 10.08
CA VAL A 591 24.45 -10.73 9.16
C VAL A 591 24.06 -12.06 9.87
N GLU A 592 24.47 -12.21 11.12
CA GLU A 592 24.09 -13.37 11.92
C GLU A 592 22.56 -13.46 12.12
N GLU A 593 21.91 -12.35 12.44
CA GLU A 593 20.47 -12.43 12.68
C GLU A 593 19.67 -12.57 11.37
N ILE A 594 20.18 -11.98 10.29
CA ILE A 594 19.59 -12.19 8.94
C ILE A 594 19.66 -13.69 8.58
N ASP A 595 20.82 -14.28 8.83
CA ASP A 595 21.06 -15.70 8.57
C ASP A 595 20.04 -16.56 9.32
N LYS A 596 19.89 -16.31 10.61
CA LYS A 596 18.93 -17.05 11.44
C LYS A 596 17.50 -16.83 10.96
N TYR A 597 17.15 -15.58 10.67
CA TYR A 597 15.80 -15.24 10.23
C TYR A 597 15.44 -15.99 8.94
N LEU A 598 16.29 -15.87 7.92
CA LEU A 598 16.09 -16.55 6.64
C LEU A 598 16.02 -18.08 6.76
N GLU A 599 16.91 -18.68 7.56
CA GLU A 599 16.90 -20.13 7.77
C GLU A 599 15.58 -20.60 8.40
N ASP A 600 15.14 -19.90 9.45
CA ASP A 600 13.88 -20.20 10.13
C ASP A 600 12.68 -19.95 9.21
N GLN A 601 12.56 -18.72 8.71
CA GLN A 601 11.33 -18.29 8.04
C GLN A 601 11.19 -18.78 6.60
N VAL A 602 12.32 -18.96 5.92
CA VAL A 602 12.30 -19.34 4.51
C VAL A 602 12.67 -20.82 4.32
N ASN A 603 13.59 -21.29 5.15
CA ASN A 603 13.87 -22.73 5.33
C ASN A 603 14.18 -23.42 3.99
N ALA A 604 13.43 -24.47 3.64
CA ALA A 604 13.72 -25.23 2.42
C ALA A 604 13.55 -24.43 1.12
N ASP A 605 12.83 -23.31 1.20
CA ASP A 605 12.52 -22.51 0.00
C ASP A 605 13.46 -21.33 -0.24
N LEU A 606 14.54 -21.24 0.53
CA LEU A 606 15.48 -20.15 0.32
C LEU A 606 16.32 -20.43 -0.93
N PRO A 607 16.27 -19.53 -1.93
CA PRO A 607 17.09 -19.75 -3.14
C PRO A 607 18.59 -19.78 -2.88
N TYR A 608 19.29 -20.60 -3.67
CA TYR A 608 20.73 -20.79 -3.59
C TYR A 608 21.45 -19.44 -3.62
N GLU A 609 21.03 -18.56 -4.50
CA GLU A 609 21.69 -17.26 -4.65
C GLU A 609 21.55 -16.36 -3.44
N ILE A 610 20.44 -16.51 -2.69
CA ILE A 610 20.27 -15.69 -1.49
C ILE A 610 21.22 -16.20 -0.39
N GLU A 611 21.29 -17.53 -0.22
CA GLU A 611 22.27 -18.15 0.67
CA GLU A 611 22.27 -18.15 0.67
C GLU A 611 23.69 -17.73 0.29
N ARG A 612 23.98 -17.72 -1.01
CA ARG A 612 25.31 -17.32 -1.48
C ARG A 612 25.62 -15.86 -1.16
N GLU A 613 24.64 -14.97 -1.34
CA GLU A 613 24.83 -13.54 -1.04
C GLU A 613 25.08 -13.35 0.44
N LEU A 614 24.38 -14.15 1.24
CA LEU A 614 24.54 -14.17 2.68
C LEU A 614 25.95 -14.63 3.11
N ARG A 615 26.42 -15.73 2.51
CA ARG A 615 27.78 -16.21 2.76
CA ARG A 615 27.79 -16.23 2.72
C ARG A 615 28.81 -15.15 2.36
N ALA A 616 28.61 -14.54 1.18
CA ALA A 616 29.51 -13.52 0.67
C ALA A 616 29.63 -12.34 1.62
N LEU A 617 28.48 -11.88 2.13
CA LEU A 617 28.43 -10.74 3.04
C LEU A 617 29.19 -11.07 4.33
N LYS A 618 28.89 -12.24 4.90
CA LYS A 618 29.58 -12.75 6.09
CA LYS A 618 29.57 -12.71 6.10
C LYS A 618 31.08 -12.74 5.87
N GLN A 619 31.49 -13.15 4.67
CA GLN A 619 32.90 -13.24 4.34
C GLN A 619 33.57 -11.88 4.23
N ARG A 620 32.92 -10.94 3.55
CA ARG A 620 33.45 -9.58 3.40
C ARG A 620 33.60 -8.90 4.77
N ILE A 621 32.60 -9.06 5.63
CA ILE A 621 32.64 -8.53 7.00
C ILE A 621 33.75 -9.17 7.83
N SER A 622 34.01 -10.47 7.62
CA SER A 622 35.05 -11.18 8.37
C SER A 622 36.45 -10.65 8.08
N GLN A 623 36.58 -9.95 6.96
CA GLN A 623 37.88 -9.47 6.48
C GLN A 623 38.19 -8.00 6.78
N MET A 624 37.24 -7.27 7.37
CA MET A 624 37.47 -5.86 7.69
C MET A 624 38.23 -5.65 9.01
#